data_2W9T
#
_entry.id   2W9T
#
_cell.length_a   54.090
_cell.length_b   71.637
_cell.length_c   54.132
_cell.angle_alpha   90.00
_cell.angle_beta   90.04
_cell.angle_gamma   90.00
#
_symmetry.space_group_name_H-M   'P 1 21 1'
#
loop_
_entity.id
_entity.type
_entity.pdbx_description
1 polymer 'DIHYDROFOLATE REDUCTASE TYPE 1'
2 water water
#
_entity_poly.entity_id   1
_entity_poly.type   'polypeptide(L)'
_entity_poly.pdbx_seq_one_letter_code
;MTLSIIVAHDKQRVIGYQNQLPWHLPNDLKHIKQLTTGNTLVMARKTFESIGKPLPNRRNVVLTNQASFHHEGVDVINSL
DEIKELSGHVFIFGGQTLYEAMIDQVDDMYITVIDGKFQGDTFFPPYTFEDWEVESSVEGQLDEKNTIPHTFLHLVRRKG
K
;
_entity_poly.pdbx_strand_id   A,B
#
# COMPACT_ATOMS: atom_id res chain seq x y z
N THR A 2 -15.00 16.76 -7.99
CA THR A 2 -14.07 15.73 -7.40
C THR A 2 -13.38 14.99 -8.48
N LEU A 3 -12.08 14.93 -8.33
CA LEU A 3 -11.17 14.23 -9.23
C LEU A 3 -10.66 13.02 -8.46
N SER A 4 -10.95 11.82 -8.92
CA SER A 4 -10.50 10.60 -8.20
C SER A 4 -9.62 9.71 -9.07
N ILE A 5 -8.55 9.19 -8.50
CA ILE A 5 -7.92 8.05 -9.19
C ILE A 5 -8.72 6.72 -8.99
N ILE A 6 -8.85 5.90 -10.02
CA ILE A 6 -9.12 4.46 -9.89
C ILE A 6 -7.91 3.58 -10.36
N VAL A 7 -7.39 2.74 -9.49
CA VAL A 7 -6.25 1.85 -9.82
C VAL A 7 -6.26 0.50 -9.07
N ALA A 8 -5.69 -0.54 -9.69
CA ALA A 8 -5.42 -1.79 -8.98
C ALA A 8 -3.95 -2.06 -9.02
N HIS A 9 -3.37 -2.45 -7.91
CA HIS A 9 -1.96 -2.79 -7.99
C HIS A 9 -1.48 -3.78 -6.88
N ASP A 10 -0.21 -4.19 -6.97
CA ASP A 10 0.29 -5.27 -6.13
C ASP A 10 1.25 -4.73 -5.08
N LYS A 11 1.87 -5.58 -4.29
CA LYS A 11 2.75 -5.13 -3.21
C LYS A 11 3.97 -4.44 -3.72
N GLN A 12 4.17 -4.34 -5.01
CA GLN A 12 5.31 -3.54 -5.40
C GLN A 12 4.85 -2.39 -6.27
N ARG A 13 3.52 -2.16 -6.28
CA ARG A 13 2.89 -1.03 -7.01
C ARG A 13 2.87 -1.28 -8.48
N VAL A 14 3.08 -2.54 -8.87
CA VAL A 14 2.91 -3.02 -10.29
C VAL A 14 1.40 -3.06 -10.64
N ILE A 15 1.02 -2.41 -11.74
CA ILE A 15 -0.39 -2.29 -12.16
C ILE A 15 -0.76 -3.62 -12.84
N GLY A 16 -1.89 -4.23 -12.47
CA GLY A 16 -2.21 -5.51 -13.12
C GLY A 16 -2.98 -5.30 -14.39
N TYR A 17 -2.52 -5.92 -15.52
CA TYR A 17 -3.20 -5.90 -16.87
C TYR A 17 -3.64 -4.45 -17.16
N GLN A 18 -2.68 -3.52 -16.98
CA GLN A 18 -2.73 -2.14 -17.48
C GLN A 18 -3.41 -2.05 -18.83
N ASN A 19 -4.23 -1.01 -18.89
CA ASN A 19 -5.09 -0.70 -19.98
C ASN A 19 -6.36 -1.49 -20.16
N GLN A 20 -6.59 -2.53 -19.38
CA GLN A 20 -7.73 -3.36 -19.66
C GLN A 20 -8.81 -3.17 -18.58
N LEU A 21 -10.08 -3.32 -18.94
CA LEU A 21 -11.07 -3.71 -17.96
C LEU A 21 -10.61 -4.97 -17.12
N PRO A 22 -10.74 -4.91 -15.76
CA PRO A 22 -10.27 -6.01 -14.90
C PRO A 22 -11.12 -7.28 -14.84
N TRP A 23 -11.27 -7.88 -16.02
CA TRP A 23 -11.99 -9.13 -16.23
C TRP A 23 -11.42 -10.24 -15.27
N HIS A 24 -10.12 -10.12 -14.97
CA HIS A 24 -9.36 -11.07 -14.18
C HIS A 24 -9.45 -10.89 -12.70
N LEU A 25 -9.84 -9.70 -12.23
CA LEU A 25 -10.44 -9.53 -10.88
C LEU A 25 -11.85 -8.93 -10.82
N PRO A 26 -12.87 -9.81 -10.84
CA PRO A 26 -14.29 -9.48 -11.04
C PRO A 26 -14.92 -8.58 -10.01
N ASN A 27 -14.43 -8.66 -8.78
CA ASN A 27 -14.86 -7.83 -7.63
C ASN A 27 -14.53 -6.38 -7.97
N ASP A 28 -13.34 -6.25 -8.50
CA ASP A 28 -12.84 -5.04 -9.05
C ASP A 28 -13.52 -4.40 -10.29
N LEU A 29 -13.95 -5.22 -11.25
CA LEU A 29 -14.79 -4.79 -12.34
C LEU A 29 -16.15 -4.33 -11.80
N LYS A 30 -16.68 -4.96 -10.76
CA LYS A 30 -17.96 -4.47 -10.24
C LYS A 30 -17.74 -3.16 -9.49
N HIS A 31 -16.59 -3.04 -8.83
CA HIS A 31 -16.22 -1.81 -8.10
C HIS A 31 -16.10 -0.56 -9.02
N ILE A 32 -15.40 -0.74 -10.12
CA ILE A 32 -15.38 0.22 -11.20
C ILE A 32 -16.76 0.68 -11.77
N LYS A 33 -17.55 -0.29 -12.21
CA LYS A 33 -18.94 -0.16 -12.49
C LYS A 33 -19.74 0.69 -11.51
N GLN A 34 -19.65 0.39 -10.23
CA GLN A 34 -20.45 1.10 -9.24
C GLN A 34 -19.87 2.49 -9.00
N LEU A 35 -18.55 2.65 -8.96
CA LEU A 35 -18.04 4.03 -8.79
C LEU A 35 -18.40 4.98 -9.94
N THR A 36 -18.13 4.58 -11.17
CA THR A 36 -18.15 5.51 -12.27
C THR A 36 -19.51 5.63 -12.96
N THR A 37 -20.49 4.90 -12.50
CA THR A 37 -21.75 4.94 -13.19
C THR A 37 -22.52 6.21 -12.89
N GLY A 38 -22.93 6.98 -13.91
CA GLY A 38 -23.52 8.26 -13.61
C GLY A 38 -22.53 9.45 -13.53
N ASN A 39 -21.24 9.22 -13.89
CA ASN A 39 -20.15 10.07 -13.59
C ASN A 39 -19.28 10.04 -14.81
N THR A 40 -18.01 10.49 -14.70
CA THR A 40 -17.14 10.71 -15.90
C THR A 40 -15.89 9.89 -15.73
N LEU A 41 -15.51 9.17 -16.78
CA LEU A 41 -14.34 8.32 -16.73
C LEU A 41 -13.36 8.88 -17.80
N VAL A 42 -12.29 9.56 -17.35
CA VAL A 42 -11.12 9.88 -18.17
C VAL A 42 -10.13 8.70 -18.32
N MET A 43 -9.96 8.30 -19.55
CA MET A 43 -9.09 7.18 -19.90
C MET A 43 -7.98 7.55 -20.89
N ALA A 44 -6.84 6.94 -20.67
CA ALA A 44 -5.76 6.93 -21.61
C ALA A 44 -6.30 6.32 -22.92
N ARG A 45 -5.86 6.89 -23.99
CA ARG A 45 -6.16 6.43 -25.30
C ARG A 45 -6.00 4.87 -25.48
N LYS A 46 -4.91 4.31 -24.95
CA LYS A 46 -4.57 2.90 -25.10
C LYS A 46 -5.57 2.12 -24.22
N THR A 47 -6.10 2.78 -23.20
CA THR A 47 -7.21 2.19 -22.42
C THR A 47 -8.48 2.15 -23.23
N PHE A 48 -8.86 3.21 -23.92
CA PHE A 48 -10.04 3.11 -24.74
C PHE A 48 -9.94 2.04 -25.87
N GLU A 49 -8.75 1.82 -26.38
CA GLU A 49 -8.59 0.96 -27.50
C GLU A 49 -8.58 -0.50 -27.12
N SER A 50 -8.02 -0.83 -25.95
CA SER A 50 -8.39 -2.08 -25.27
C SER A 50 -9.91 -2.30 -25.13
N ILE A 51 -10.65 -1.35 -24.59
CA ILE A 51 -12.09 -1.58 -24.43
C ILE A 51 -12.89 -1.68 -25.75
N GLY A 52 -12.84 -0.61 -26.55
CA GLY A 52 -13.16 -0.57 -27.98
C GLY A 52 -14.47 0.10 -28.20
N LYS A 53 -15.11 0.46 -27.11
CA LYS A 53 -16.38 1.09 -27.19
C LYS A 53 -16.71 1.78 -25.84
N PRO A 54 -17.53 2.85 -25.87
CA PRO A 54 -17.94 3.49 -24.63
C PRO A 54 -18.68 2.55 -23.70
N LEU A 55 -18.35 2.69 -22.42
CA LEU A 55 -19.14 2.20 -21.28
C LEU A 55 -20.46 2.90 -21.20
N PRO A 56 -21.53 2.13 -20.97
CA PRO A 56 -22.83 2.84 -20.94
C PRO A 56 -23.08 3.66 -19.64
N ASN A 57 -23.92 4.68 -19.70
CA ASN A 57 -24.34 5.35 -18.49
C ASN A 57 -23.36 6.22 -17.77
N ARG A 58 -22.43 6.77 -18.52
CA ARG A 58 -21.35 7.51 -17.91
C ARG A 58 -20.77 8.30 -19.03
N ARG A 59 -20.26 9.49 -18.73
CA ARG A 59 -19.50 10.22 -19.65
C ARG A 59 -18.08 9.62 -19.87
N ASN A 60 -17.76 9.28 -21.12
CA ASN A 60 -16.47 8.67 -21.46
C ASN A 60 -15.63 9.69 -22.06
N VAL A 61 -14.46 9.95 -21.52
CA VAL A 61 -13.55 10.90 -22.04
C VAL A 61 -12.22 10.21 -22.25
N VAL A 62 -11.59 10.50 -23.39
CA VAL A 62 -10.34 9.93 -23.83
C VAL A 62 -9.32 11.03 -24.02
N LEU A 63 -8.12 10.84 -23.43
CA LEU A 63 -6.95 11.73 -23.52
C LEU A 63 -6.00 11.25 -24.66
N THR A 64 -5.82 12.07 -25.68
CA THR A 64 -5.05 11.69 -26.86
C THR A 64 -4.61 12.96 -27.63
N ASN A 65 -3.46 12.85 -28.29
CA ASN A 65 -2.78 13.93 -28.99
C ASN A 65 -2.88 13.48 -30.47
N GLN A 66 -3.83 12.59 -30.75
CA GLN A 66 -4.07 12.14 -32.10
C GLN A 66 -5.27 12.87 -32.71
N ALA A 67 -5.01 13.82 -33.61
CA ALA A 67 -6.00 14.79 -34.08
C ALA A 67 -7.21 14.12 -34.69
N SER A 68 -6.98 12.99 -35.40
CA SER A 68 -8.03 12.22 -36.15
C SER A 68 -8.84 11.26 -35.23
N PHE A 69 -8.50 11.16 -33.95
CA PHE A 69 -9.26 10.25 -33.13
C PHE A 69 -10.75 10.70 -33.12
N HIS A 70 -11.63 9.74 -33.42
CA HIS A 70 -13.03 9.88 -33.08
C HIS A 70 -13.62 8.53 -32.66
N HIS A 71 -14.51 8.58 -31.67
CA HIS A 71 -15.43 7.50 -31.52
C HIS A 71 -16.71 8.11 -31.03
N GLU A 72 -17.83 7.75 -31.69
CA GLU A 72 -19.19 8.14 -31.32
C GLU A 72 -19.39 7.85 -29.80
N GLY A 73 -19.87 8.82 -29.01
CA GLY A 73 -20.08 8.67 -27.52
C GLY A 73 -18.82 8.83 -26.66
N VAL A 74 -17.72 9.22 -27.29
CA VAL A 74 -16.50 9.55 -26.57
C VAL A 74 -16.23 11.06 -26.80
N ASP A 75 -16.11 11.82 -25.69
CA ASP A 75 -15.50 13.18 -25.70
C ASP A 75 -13.99 13.03 -25.62
N VAL A 76 -13.24 13.85 -26.36
CA VAL A 76 -11.76 13.83 -26.43
C VAL A 76 -11.22 15.09 -25.74
N ILE A 77 -10.11 14.94 -25.00
CA ILE A 77 -9.27 15.99 -24.50
C ILE A 77 -7.85 15.73 -25.01
N ASN A 78 -7.05 16.82 -25.12
CA ASN A 78 -5.73 16.69 -25.77
C ASN A 78 -4.63 16.93 -24.80
N SER A 79 -4.97 17.53 -23.66
CA SER A 79 -3.96 17.76 -22.62
C SER A 79 -4.42 17.44 -21.20
N LEU A 80 -3.49 17.08 -20.31
CA LEU A 80 -3.77 17.04 -18.83
C LEU A 80 -4.61 18.16 -18.26
N ASP A 81 -4.32 19.39 -18.66
CA ASP A 81 -4.91 20.58 -18.08
C ASP A 81 -6.42 20.55 -18.22
N GLU A 82 -6.94 19.84 -19.22
CA GLU A 82 -8.39 20.06 -19.46
C GLU A 82 -9.25 19.17 -18.55
N ILE A 83 -8.60 18.19 -17.88
CA ILE A 83 -9.21 17.25 -16.97
C ILE A 83 -9.75 18.00 -15.72
N LYS A 84 -8.98 19.02 -15.25
CA LYS A 84 -9.34 19.85 -14.07
C LYS A 84 -10.54 20.73 -14.43
N GLU A 85 -10.79 20.93 -15.73
CA GLU A 85 -12.02 21.63 -16.23
C GLU A 85 -13.28 20.75 -16.43
N LEU A 86 -13.21 19.46 -16.16
CA LEU A 86 -14.35 18.63 -16.47
C LEU A 86 -15.33 18.75 -15.31
N SER A 87 -16.61 18.78 -15.59
CA SER A 87 -17.53 18.90 -14.49
C SER A 87 -17.91 17.57 -13.81
N GLY A 88 -18.46 17.64 -12.60
CA GLY A 88 -19.01 16.49 -11.85
C GLY A 88 -17.93 15.67 -11.17
N HIS A 89 -18.21 14.41 -10.87
CA HIS A 89 -17.18 13.51 -10.31
C HIS A 89 -16.39 12.82 -11.43
N VAL A 90 -15.13 13.20 -11.58
CA VAL A 90 -14.26 12.65 -12.59
C VAL A 90 -13.29 11.59 -12.04
N PHE A 91 -13.30 10.42 -12.68
CA PHE A 91 -12.45 9.30 -12.36
C PHE A 91 -11.36 9.15 -13.43
N ILE A 92 -10.16 8.81 -13.01
CA ILE A 92 -8.99 8.82 -13.85
C ILE A 92 -8.46 7.38 -13.84
N PHE A 93 -8.42 6.77 -15.02
CA PHE A 93 -8.25 5.35 -15.21
C PHE A 93 -7.26 5.15 -16.42
N GLY A 94 -6.06 4.62 -16.20
CA GLY A 94 -5.05 4.47 -17.30
C GLY A 94 -4.25 3.26 -16.90
N GLY A 95 -2.98 3.39 -16.61
CA GLY A 95 -2.02 4.09 -17.39
C GLY A 95 -1.07 4.76 -16.43
N GLN A 96 0.04 4.08 -16.13
CA GLN A 96 1.15 4.68 -15.41
C GLN A 96 1.55 6.16 -15.61
N THR A 97 1.75 6.62 -16.83
CA THR A 97 2.07 8.05 -16.98
C THR A 97 0.86 8.98 -16.66
N LEU A 98 -0.35 8.51 -16.85
CA LEU A 98 -1.53 9.32 -16.47
C LEU A 98 -1.61 9.41 -14.94
N TYR A 99 -1.37 8.33 -14.22
CA TYR A 99 -1.28 8.34 -12.76
C TYR A 99 -0.13 9.20 -12.18
N GLU A 100 1.08 9.14 -12.75
CA GLU A 100 2.16 10.06 -12.34
C GLU A 100 1.83 11.54 -12.55
N ALA A 101 1.11 11.82 -13.65
CA ALA A 101 0.76 13.18 -14.02
C ALA A 101 -0.33 13.73 -13.12
N MET A 102 -1.21 12.83 -12.67
CA MET A 102 -2.42 13.19 -11.98
C MET A 102 -2.37 12.98 -10.49
N ILE A 103 -1.46 12.09 -10.01
CA ILE A 103 -1.48 11.78 -8.54
C ILE A 103 -1.42 12.99 -7.55
N ASP A 104 -0.66 14.05 -7.83
N ASP A 104 -0.61 13.98 -7.97
CA ASP A 104 -0.68 15.22 -6.93
CA ASP A 104 -0.38 15.27 -7.35
C ASP A 104 -1.81 16.20 -7.22
C ASP A 104 -1.58 16.26 -7.44
N GLN A 105 -2.57 15.93 -8.28
CA GLN A 105 -3.71 16.80 -8.60
C GLN A 105 -5.03 16.25 -8.02
N VAL A 106 -5.19 14.95 -7.86
CA VAL A 106 -6.48 14.38 -7.47
C VAL A 106 -6.89 14.64 -6.00
N ASP A 107 -8.18 14.59 -5.68
CA ASP A 107 -8.65 14.76 -4.32
C ASP A 107 -8.54 13.41 -3.60
N ASP A 108 -8.63 12.34 -4.36
CA ASP A 108 -8.77 11.03 -3.70
C ASP A 108 -8.49 9.89 -4.63
N MET A 109 -8.41 8.67 -4.11
CA MET A 109 -7.84 7.50 -4.76
C MET A 109 -8.62 6.32 -4.33
N TYR A 110 -9.09 5.51 -5.31
CA TYR A 110 -9.65 4.25 -4.99
C TYR A 110 -8.64 3.25 -5.48
N ILE A 111 -8.05 2.49 -4.56
CA ILE A 111 -6.94 1.60 -4.87
C ILE A 111 -7.35 0.25 -4.44
N THR A 112 -7.34 -0.70 -5.37
CA THR A 112 -7.42 -2.11 -5.00
C THR A 112 -6.01 -2.69 -4.81
N VAL A 113 -5.67 -3.16 -3.60
CA VAL A 113 -4.32 -3.64 -3.31
C VAL A 113 -4.33 -5.13 -3.07
N ILE A 114 -3.36 -5.75 -3.65
CA ILE A 114 -3.15 -7.20 -3.63
C ILE A 114 -2.01 -7.60 -2.59
N ASP A 115 -2.32 -8.61 -1.79
CA ASP A 115 -1.31 -9.42 -1.14
C ASP A 115 -0.85 -10.51 -2.19
N GLY A 116 0.25 -10.25 -2.89
CA GLY A 116 0.60 -10.95 -4.10
C GLY A 116 1.35 -10.09 -5.14
N LYS A 117 1.51 -10.72 -6.34
CA LYS A 117 2.45 -10.31 -7.37
C LYS A 117 1.68 -10.25 -8.66
N PHE A 118 2.00 -9.24 -9.49
CA PHE A 118 1.65 -9.21 -10.93
C PHE A 118 2.94 -9.22 -11.72
N GLN A 119 2.75 -9.50 -13.00
CA GLN A 119 3.81 -9.73 -13.99
C GLN A 119 4.36 -8.48 -14.66
N GLY A 120 3.52 -7.46 -14.84
CA GLY A 120 3.98 -6.21 -15.48
C GLY A 120 5.32 -5.52 -15.20
N ASP A 121 5.56 -4.44 -15.97
CA ASP A 121 6.77 -3.60 -15.93
C ASP A 121 6.29 -2.16 -15.62
N THR A 122 5.02 -2.02 -15.20
CA THR A 122 4.35 -0.69 -15.08
C THR A 122 3.91 -0.36 -13.64
N PHE A 123 4.15 0.85 -13.16
CA PHE A 123 4.05 1.15 -11.73
C PHE A 123 3.15 2.36 -11.40
N PHE A 124 2.22 2.17 -10.44
CA PHE A 124 1.61 3.27 -9.72
C PHE A 124 2.59 4.12 -8.91
N PRO A 125 2.47 5.48 -8.94
CA PRO A 125 3.35 6.32 -8.12
C PRO A 125 3.24 6.09 -6.55
N PRO A 126 4.35 6.28 -5.83
CA PRO A 126 4.40 6.16 -4.38
C PRO A 126 3.46 7.12 -3.64
N TYR A 127 2.85 6.61 -2.56
CA TYR A 127 2.00 7.40 -1.65
C TYR A 127 2.19 6.95 -0.20
N THR A 128 2.17 7.91 0.70
CA THR A 128 2.51 7.64 2.10
C THR A 128 1.40 8.24 2.90
N PHE A 129 1.27 7.79 4.12
CA PHE A 129 0.54 8.46 5.17
C PHE A 129 0.95 9.98 5.38
N GLU A 130 2.11 10.41 4.83
CA GLU A 130 2.46 11.85 4.80
C GLU A 130 1.26 12.66 4.22
N ASP A 131 0.72 12.21 3.08
CA ASP A 131 -0.11 13.00 2.18
C ASP A 131 -1.57 12.52 2.12
N TRP A 132 -1.78 11.24 2.42
CA TRP A 132 -3.06 10.58 2.31
C TRP A 132 -3.54 10.00 3.62
N GLU A 133 -4.85 9.86 3.71
CA GLU A 133 -5.51 9.33 4.87
C GLU A 133 -6.49 8.22 4.43
N VAL A 134 -6.74 7.20 5.25
CA VAL A 134 -7.60 6.15 4.90
C VAL A 134 -9.00 6.57 5.34
N GLU A 135 -9.89 6.78 4.36
CA GLU A 135 -11.28 7.00 4.57
C GLU A 135 -11.99 5.64 4.64
N SER A 136 -11.42 4.65 3.95
CA SER A 136 -12.07 3.39 3.91
C SER A 136 -11.10 2.32 3.47
N SER A 137 -11.27 1.15 4.08
CA SER A 137 -10.39 -0.03 3.87
C SER A 137 -11.23 -1.30 4.16
N VAL A 138 -11.51 -2.06 3.09
CA VAL A 138 -12.46 -3.19 3.08
C VAL A 138 -11.74 -4.38 2.42
N GLU A 139 -11.77 -5.54 3.08
CA GLU A 139 -11.14 -6.72 2.53
C GLU A 139 -12.03 -7.29 1.46
N GLY A 140 -11.52 -7.54 0.27
CA GLY A 140 -12.40 -8.11 -0.75
C GLY A 140 -12.73 -9.57 -0.53
N GLN A 141 -13.90 -9.97 -1.01
CA GLN A 141 -14.49 -11.34 -0.86
C GLN A 141 -13.74 -12.34 -1.75
N LEU A 142 -13.02 -13.30 -1.16
CA LEU A 142 -12.54 -14.49 -1.88
C LEU A 142 -13.64 -15.49 -2.26
N ASP A 143 -13.60 -15.95 -3.52
CA ASP A 143 -14.37 -17.13 -4.02
C ASP A 143 -13.75 -17.70 -5.30
N GLU A 144 -14.49 -18.48 -6.07
CA GLU A 144 -13.90 -19.13 -7.29
C GLU A 144 -13.34 -18.09 -8.30
N LYS A 145 -14.08 -16.99 -8.49
CA LYS A 145 -13.73 -15.90 -9.40
C LYS A 145 -12.63 -15.01 -8.82
N ASN A 146 -12.61 -14.79 -7.51
CA ASN A 146 -11.60 -13.93 -6.90
C ASN A 146 -10.76 -14.67 -5.89
N THR A 147 -9.54 -15.00 -6.24
CA THR A 147 -8.89 -15.98 -5.41
C THR A 147 -7.60 -15.34 -4.89
N ILE A 148 -7.27 -14.14 -5.40
CA ILE A 148 -6.12 -13.41 -4.83
C ILE A 148 -6.72 -12.48 -3.79
N PRO A 149 -6.15 -12.46 -2.55
CA PRO A 149 -6.50 -11.55 -1.49
C PRO A 149 -6.23 -10.14 -1.91
N HIS A 150 -7.21 -9.27 -1.62
CA HIS A 150 -7.21 -7.88 -2.06
C HIS A 150 -8.01 -7.04 -1.05
N THR A 151 -7.64 -5.76 -0.93
CA THR A 151 -8.33 -4.77 -0.12
C THR A 151 -8.73 -3.63 -1.07
N PHE A 152 -9.94 -3.09 -0.88
CA PHE A 152 -10.31 -1.80 -1.47
C PHE A 152 -9.98 -0.71 -0.52
N LEU A 153 -8.99 0.09 -0.88
CA LEU A 153 -8.69 1.31 -0.16
C LEU A 153 -9.37 2.52 -0.79
N HIS A 154 -9.75 3.44 0.08
CA HIS A 154 -10.15 4.75 -0.36
C HIS A 154 -9.33 5.76 0.45
N LEU A 155 -8.42 6.45 -0.23
CA LEU A 155 -7.57 7.45 0.41
C LEU A 155 -7.94 8.84 -0.07
N VAL A 156 -7.90 9.80 0.83
CA VAL A 156 -8.24 11.21 0.54
C VAL A 156 -6.99 12.00 0.86
N ARG A 157 -6.68 12.96 -0.02
CA ARG A 157 -5.57 13.84 0.24
C ARG A 157 -5.75 14.66 1.48
N ARG A 158 -4.69 14.74 2.27
N ARG A 158 -4.69 14.74 2.27
CA ARG A 158 -4.78 15.39 3.59
CA ARG A 158 -4.82 15.41 3.56
C ARG A 158 -4.85 16.91 3.37
C ARG A 158 -4.86 16.91 3.33
N LYS A 159 -6.00 17.52 3.69
CA LYS A 159 -6.30 19.02 3.52
C LYS A 159 -6.16 19.84 4.82
N GLY A 160 -5.69 21.08 4.73
CA GLY A 160 -5.65 21.96 5.89
C GLY A 160 -4.65 21.60 6.98
N THR B 2 18.02 1.55 21.70
CA THR B 2 16.91 0.56 21.70
C THR B 2 16.63 0.11 20.30
N LEU B 3 16.61 -1.20 20.14
CA LEU B 3 16.34 -1.93 18.89
C LEU B 3 15.00 -2.66 19.14
N SER B 4 14.01 -2.38 18.34
CA SER B 4 12.65 -2.89 18.56
C SER B 4 12.19 -3.53 17.24
N ILE B 5 11.54 -4.68 17.29
CA ILE B 5 10.80 -5.16 16.08
C ILE B 5 9.45 -4.44 15.99
N ILE B 6 8.97 -4.12 14.78
CA ILE B 6 7.53 -3.87 14.50
C ILE B 6 6.95 -4.93 13.50
N VAL B 7 5.93 -5.67 13.89
CA VAL B 7 5.32 -6.71 13.03
C VAL B 7 3.78 -6.88 13.25
N ALA B 8 3.05 -7.26 12.20
CA ALA B 8 1.69 -7.70 12.37
C ALA B 8 1.62 -9.17 11.93
N HIS B 9 0.89 -10.00 12.65
CA HIS B 9 0.81 -11.34 12.16
C HIS B 9 -0.44 -11.97 12.73
N ASP B 10 -0.77 -13.16 12.22
CA ASP B 10 -2.03 -13.81 12.55
C ASP B 10 -1.80 -14.93 13.53
N LYS B 11 -2.81 -15.72 13.80
CA LYS B 11 -2.75 -16.89 14.70
C LYS B 11 -1.77 -17.94 14.33
N GLN B 12 -1.33 -17.99 13.10
CA GLN B 12 -0.34 -18.96 12.79
C GLN B 12 1.00 -18.32 12.53
N ARG B 13 1.14 -17.02 12.87
CA ARG B 13 2.39 -16.25 12.72
C ARG B 13 2.73 -15.91 11.30
N VAL B 14 1.74 -16.05 10.41
CA VAL B 14 1.82 -15.62 8.98
C VAL B 14 1.78 -14.13 9.01
N ILE B 15 2.70 -13.50 8.29
CA ILE B 15 2.80 -12.04 8.22
C ILE B 15 1.86 -11.60 7.10
N GLY B 16 0.98 -10.64 7.34
CA GLY B 16 0.02 -10.32 6.25
C GLY B 16 0.47 -9.09 5.46
N TYR B 17 0.28 -9.13 4.11
CA TYR B 17 0.67 -8.01 3.20
C TYR B 17 2.09 -7.56 3.59
N GLN B 18 2.99 -8.54 3.64
CA GLN B 18 4.42 -8.35 3.91
C GLN B 18 5.07 -7.44 2.90
N ASN B 19 5.94 -6.61 3.45
CA ASN B 19 6.67 -5.57 2.75
C ASN B 19 5.86 -4.34 2.43
N GLN B 20 4.62 -4.24 2.87
CA GLN B 20 3.88 -3.08 2.51
C GLN B 20 3.51 -2.27 3.72
N LEU B 21 3.34 -0.97 3.58
CA LEU B 21 2.64 -0.25 4.64
C LEU B 21 1.23 -0.89 4.86
N PRO B 22 0.77 -1.04 6.15
CA PRO B 22 -0.53 -1.74 6.37
C PRO B 22 -1.82 -0.90 6.20
N TRP B 23 -1.99 -0.38 4.97
CA TRP B 23 -3.16 0.36 4.49
C TRP B 23 -4.46 -0.37 4.84
N HIS B 24 -4.36 -1.70 4.84
CA HIS B 24 -5.44 -2.64 5.01
C HIS B 24 -5.81 -2.93 6.46
N LEU B 25 -4.96 -2.47 7.40
CA LEU B 25 -5.25 -2.37 8.84
C LEU B 25 -4.90 -1.01 9.42
N PRO B 26 -5.81 -0.09 9.27
CA PRO B 26 -5.55 1.35 9.52
C PRO B 26 -5.02 1.70 10.90
N ASN B 27 -5.54 1.04 11.92
CA ASN B 27 -5.08 1.21 13.34
C ASN B 27 -3.56 0.87 13.40
N ASP B 28 -3.19 -0.19 12.72
CA ASP B 28 -1.81 -0.55 12.57
C ASP B 28 -0.86 0.47 11.82
N LEU B 29 -1.31 1.06 10.73
CA LEU B 29 -0.63 2.20 10.11
C LEU B 29 -0.44 3.40 11.07
N LYS B 30 -1.44 3.73 11.86
CA LYS B 30 -1.35 4.85 12.79
C LYS B 30 -0.35 4.50 13.92
N HIS B 31 -0.36 3.25 14.37
CA HIS B 31 0.56 2.74 15.37
C HIS B 31 2.03 2.80 14.93
N ILE B 32 2.29 2.31 13.73
CA ILE B 32 3.58 2.50 13.08
C ILE B 32 4.09 3.97 13.00
N LYS B 33 3.26 4.84 12.45
CA LYS B 33 3.47 6.25 12.47
C LYS B 33 3.82 6.82 13.85
N GLN B 34 3.05 6.51 14.86
CA GLN B 34 3.28 7.07 16.17
C GLN B 34 4.58 6.51 16.74
N LEU B 35 4.81 5.23 16.62
CA LEU B 35 6.07 4.70 17.19
C LEU B 35 7.36 5.23 16.52
N THR B 36 7.42 5.16 15.19
CA THR B 36 8.65 5.45 14.47
C THR B 36 8.89 6.95 14.20
N THR B 37 7.96 7.80 14.58
CA THR B 37 8.12 9.20 14.20
C THR B 37 9.15 9.92 15.05
N GLY B 38 10.13 10.57 14.46
CA GLY B 38 11.23 11.08 15.31
C GLY B 38 12.39 10.08 15.53
N ASN B 39 12.28 8.88 14.93
CA ASN B 39 13.15 7.78 15.23
C ASN B 39 13.67 7.20 13.94
N THR B 40 14.23 5.99 13.97
CA THR B 40 14.90 5.35 12.78
C THR B 40 14.15 4.09 12.45
N LEU B 41 13.86 3.92 11.17
CA LEU B 41 13.14 2.75 10.65
C LEU B 41 14.11 2.02 9.70
N VAL B 42 14.60 0.86 10.09
CA VAL B 42 15.34 -0.08 9.23
C VAL B 42 14.39 -0.99 8.42
N MET B 43 14.39 -0.81 7.10
CA MET B 43 13.69 -1.65 6.19
C MET B 43 14.54 -2.52 5.24
N ALA B 44 14.03 -3.72 5.05
CA ALA B 44 14.31 -4.54 3.93
C ALA B 44 14.13 -3.76 2.62
N ARG B 45 15.00 -4.07 1.70
CA ARG B 45 14.99 -3.39 0.47
C ARG B 45 13.59 -3.47 -0.24
N LYS B 46 12.93 -4.65 -0.21
CA LYS B 46 11.63 -4.87 -0.82
C LYS B 46 10.58 -4.11 -0.08
N THR B 47 10.79 -3.82 1.20
CA THR B 47 9.95 -2.87 1.90
C THR B 47 10.13 -1.49 1.36
N PHE B 48 11.34 -1.04 1.11
CA PHE B 48 11.43 0.29 0.54
C PHE B 48 10.78 0.39 -0.86
N GLU B 49 10.86 -0.68 -1.63
CA GLU B 49 10.48 -0.68 -3.00
C GLU B 49 8.95 -0.63 -3.13
N SER B 50 8.23 -1.39 -2.28
CA SER B 50 6.79 -1.22 -2.03
C SER B 50 6.40 0.23 -1.80
N ILE B 51 7.03 0.87 -0.84
CA ILE B 51 6.64 2.20 -0.45
C ILE B 51 7.05 3.28 -1.48
N GLY B 52 8.31 3.22 -1.95
CA GLY B 52 8.78 3.95 -3.09
C GLY B 52 9.41 5.27 -2.71
N LYS B 53 9.38 5.61 -1.44
CA LYS B 53 9.88 6.88 -1.00
C LYS B 53 9.97 7.05 0.54
N PRO B 54 10.89 7.92 1.01
CA PRO B 54 11.01 7.99 2.45
C PRO B 54 9.76 8.51 3.18
N LEU B 55 9.53 7.95 4.38
CA LEU B 55 8.51 8.38 5.34
C LEU B 55 9.06 9.66 5.94
N PRO B 56 8.23 10.71 6.08
CA PRO B 56 8.84 11.95 6.59
C PRO B 56 9.09 11.91 8.12
N ASN B 57 9.96 12.77 8.62
CA ASN B 57 10.17 12.98 10.04
C ASN B 57 10.79 11.82 10.76
N ARG B 58 11.68 11.15 10.08
CA ARG B 58 12.20 9.90 10.61
C ARG B 58 13.38 9.55 9.74
N ARG B 59 14.38 8.94 10.35
CA ARG B 59 15.46 8.43 9.60
C ARG B 59 15.09 7.09 8.95
N ASN B 60 15.19 7.04 7.62
CA ASN B 60 14.95 5.83 6.83
C ASN B 60 16.22 5.15 6.50
N VAL B 61 16.33 3.88 6.80
CA VAL B 61 17.49 3.09 6.56
C VAL B 61 17.00 1.90 5.76
N VAL B 62 17.66 1.63 4.63
CA VAL B 62 17.43 0.47 3.80
C VAL B 62 18.60 -0.52 3.89
N LEU B 63 18.29 -1.82 4.03
CA LEU B 63 19.27 -2.85 4.08
C LEU B 63 19.28 -3.61 2.76
N THR B 64 20.41 -3.62 2.05
CA THR B 64 20.45 -4.10 0.66
C THR B 64 21.93 -4.35 0.38
N ASN B 65 22.20 -5.30 -0.48
CA ASN B 65 23.56 -5.62 -0.83
C ASN B 65 23.63 -5.28 -2.34
N GLN B 66 22.68 -4.49 -2.83
CA GLN B 66 22.77 -3.92 -4.14
C GLN B 66 23.54 -2.59 -4.16
N ALA B 67 24.73 -2.58 -4.78
CA ALA B 67 25.73 -1.49 -4.58
C ALA B 67 25.28 -0.17 -5.20
N SER B 68 24.60 -0.28 -6.35
CA SER B 68 23.97 0.82 -7.09
C SER B 68 22.73 1.43 -6.38
N PHE B 69 22.24 0.85 -5.28
CA PHE B 69 21.06 1.40 -4.73
C PHE B 69 21.28 2.87 -4.20
N HIS B 70 20.36 3.77 -4.52
CA HIS B 70 20.34 5.07 -3.91
C HIS B 70 18.90 5.54 -3.85
N HIS B 71 18.50 6.18 -2.75
CA HIS B 71 17.39 7.09 -2.83
C HIS B 71 17.72 8.31 -2.01
N GLU B 72 17.45 9.50 -2.56
CA GLU B 72 17.51 10.72 -1.77
C GLU B 72 16.72 10.53 -0.45
N GLY B 73 17.36 10.81 0.69
CA GLY B 73 16.70 10.74 1.98
C GLY B 73 16.60 9.38 2.65
N VAL B 74 17.19 8.37 1.99
CA VAL B 74 17.47 7.05 2.55
C VAL B 74 18.99 6.85 2.82
N ASP B 75 19.36 6.45 4.06
CA ASP B 75 20.65 5.86 4.37
C ASP B 75 20.66 4.36 4.11
N VAL B 76 21.77 3.79 3.68
CA VAL B 76 21.77 2.37 3.22
C VAL B 76 22.75 1.60 4.12
N ILE B 77 22.45 0.35 4.49
CA ILE B 77 23.36 -0.52 5.18
C ILE B 77 23.40 -1.78 4.38
N ASN B 78 24.50 -2.52 4.52
CA ASN B 78 24.73 -3.68 3.65
C ASN B 78 24.71 -4.96 4.39
N SER B 79 24.98 -4.88 5.68
CA SER B 79 24.98 -6.05 6.56
C SER B 79 24.05 -5.89 7.78
N LEU B 80 23.57 -7.01 8.33
CA LEU B 80 22.94 -7.06 9.66
C LEU B 80 23.68 -6.35 10.77
N ASP B 81 24.97 -6.62 10.94
CA ASP B 81 25.83 -5.99 11.92
C ASP B 81 25.79 -4.46 11.98
N GLU B 82 25.35 -3.78 10.92
CA GLU B 82 25.45 -2.33 10.97
C GLU B 82 24.21 -1.73 11.72
N ILE B 83 23.20 -2.57 11.95
CA ILE B 83 21.94 -2.15 12.54
C ILE B 83 22.15 -1.85 14.03
N LYS B 84 22.93 -2.75 14.68
CA LYS B 84 23.37 -2.56 16.08
C LYS B 84 24.31 -1.34 16.35
N GLU B 85 25.01 -0.85 15.34
CA GLU B 85 25.69 0.47 15.41
C GLU B 85 24.78 1.74 15.16
N LEU B 86 23.49 1.57 14.90
CA LEU B 86 22.74 2.73 14.52
C LEU B 86 22.41 3.36 15.82
N SER B 87 22.39 4.68 15.86
CA SER B 87 22.03 5.35 17.08
C SER B 87 20.51 5.63 17.28
N GLY B 88 20.08 5.94 18.52
CA GLY B 88 18.71 6.40 18.83
C GLY B 88 17.82 5.18 19.04
N HIS B 89 16.52 5.37 18.90
CA HIS B 89 15.61 4.24 18.94
C HIS B 89 15.37 3.68 17.51
N VAL B 90 15.74 2.42 17.29
CA VAL B 90 15.75 1.85 15.95
C VAL B 90 14.62 0.78 15.87
N PHE B 91 13.76 0.89 14.86
CA PHE B 91 12.70 -0.06 14.60
C PHE B 91 13.01 -0.89 13.38
N ILE B 92 12.70 -2.17 13.42
CA ILE B 92 13.10 -3.13 12.38
C ILE B 92 11.81 -3.61 11.77
N PHE B 93 11.69 -3.53 10.44
CA PHE B 93 10.42 -3.57 9.73
C PHE B 93 10.67 -4.27 8.37
N GLY B 94 10.14 -5.49 8.14
CA GLY B 94 10.48 -6.34 6.94
C GLY B 94 9.35 -7.36 6.74
N GLY B 95 9.58 -8.61 6.33
CA GLY B 95 10.80 -9.22 6.06
C GLY B 95 10.87 -10.38 7.02
N GLN B 96 10.22 -11.51 6.74
CA GLN B 96 10.51 -12.78 7.43
C GLN B 96 12.01 -13.05 7.71
N THR B 97 12.86 -12.91 6.70
CA THR B 97 14.29 -13.14 6.94
C THR B 97 14.96 -12.02 7.79
N LEU B 98 14.43 -10.81 7.77
CA LEU B 98 15.02 -9.75 8.66
C LEU B 98 14.61 -10.03 10.09
N TYR B 99 13.37 -10.48 10.32
CA TYR B 99 12.89 -10.90 11.64
C TYR B 99 13.58 -12.10 12.31
N GLU B 100 13.83 -13.19 11.57
CA GLU B 100 14.69 -14.30 12.03
C GLU B 100 16.10 -13.88 12.44
N ALA B 101 16.68 -12.94 11.68
CA ALA B 101 18.06 -12.54 11.86
C ALA B 101 18.16 -11.65 13.11
N MET B 102 17.07 -10.93 13.40
CA MET B 102 17.04 -9.82 14.35
C MET B 102 16.27 -10.14 15.59
N ILE B 103 15.40 -11.18 15.58
CA ILE B 103 14.60 -11.52 16.79
C ILE B 103 15.39 -11.82 18.08
N ASP B 104 16.53 -12.52 18.01
N ASP B 104 16.50 -12.54 17.85
CA ASP B 104 17.33 -12.76 19.23
CA ASP B 104 17.58 -12.87 18.80
C ASP B 104 18.27 -11.58 19.54
C ASP B 104 18.42 -11.70 19.32
N GLN B 105 18.18 -10.50 18.77
CA GLN B 105 19.05 -9.35 19.00
C GLN B 105 18.25 -8.18 19.59
N VAL B 106 16.98 -8.05 19.25
CA VAL B 106 16.23 -6.86 19.65
C VAL B 106 15.94 -6.82 21.18
N ASP B 107 15.70 -5.62 21.73
CA ASP B 107 15.28 -5.42 23.11
C ASP B 107 13.79 -5.69 23.29
N ASP B 108 13.03 -5.50 22.24
CA ASP B 108 11.55 -5.48 22.40
C ASP B 108 10.86 -5.59 21.06
N MET B 109 9.56 -5.84 21.08
CA MET B 109 8.76 -6.21 19.90
C MET B 109 7.41 -5.54 20.04
N TYR B 110 6.98 -4.83 18.99
CA TYR B 110 5.65 -4.33 18.94
C TYR B 110 4.98 -5.23 17.91
N ILE B 111 4.05 -6.03 18.38
CA ILE B 111 3.43 -7.08 17.60
C ILE B 111 1.95 -6.82 17.61
N THR B 112 1.38 -6.69 16.42
CA THR B 112 -0.06 -6.62 16.26
C THR B 112 -0.62 -8.00 15.91
N VAL B 113 -1.40 -8.58 16.82
CA VAL B 113 -1.86 -9.95 16.59
C VAL B 113 -3.33 -9.95 16.26
N ILE B 114 -3.64 -10.79 15.31
CA ILE B 114 -5.00 -11.03 14.77
C ILE B 114 -5.64 -12.34 15.42
N ASP B 115 -6.91 -12.23 15.79
CA ASP B 115 -7.76 -13.40 15.95
C ASP B 115 -8.40 -13.71 14.53
N GLY B 116 -7.87 -14.73 13.84
CA GLY B 116 -8.00 -14.88 12.39
C GLY B 116 -6.69 -15.19 11.62
N LYS B 117 -6.82 -14.99 10.29
CA LYS B 117 -6.17 -15.71 9.18
C LYS B 117 -5.68 -14.64 8.25
N PHE B 118 -4.43 -14.75 7.83
CA PHE B 118 -3.92 -14.11 6.61
C PHE B 118 -3.61 -15.18 5.60
N GLN B 119 -3.39 -14.69 4.38
CA GLN B 119 -3.26 -15.50 3.18
C GLN B 119 -1.82 -15.93 2.85
N GLY B 120 -0.84 -15.09 3.18
CA GLY B 120 0.50 -15.43 2.76
C GLY B 120 1.09 -16.76 3.27
N ASP B 121 2.41 -16.74 3.39
CA ASP B 121 3.27 -17.84 3.09
C ASP B 121 4.57 -17.55 3.87
N THR B 122 4.53 -16.49 4.66
CA THR B 122 5.72 -15.88 5.31
C THR B 122 5.48 -15.83 6.84
N PHE B 123 6.46 -16.19 7.66
CA PHE B 123 6.22 -16.41 9.08
C PHE B 123 7.11 -15.53 9.95
N PHE B 124 6.51 -14.82 10.91
CA PHE B 124 7.28 -14.35 12.07
C PHE B 124 7.93 -15.50 12.87
N PRO B 125 9.19 -15.35 13.34
CA PRO B 125 9.75 -16.45 14.15
C PRO B 125 9.03 -16.72 15.52
N PRO B 126 9.09 -17.99 16.00
CA PRO B 126 8.46 -18.29 17.26
C PRO B 126 8.99 -17.50 18.48
N TYR B 127 8.09 -17.16 19.43
CA TYR B 127 8.45 -16.53 20.69
C TYR B 127 7.53 -17.01 21.83
N THR B 128 8.10 -17.19 23.02
CA THR B 128 7.37 -17.82 24.15
C THR B 128 7.65 -16.96 25.33
N PHE B 129 6.86 -17.15 26.36
CA PHE B 129 6.98 -16.47 27.62
C PHE B 129 8.29 -16.80 28.40
N GLU B 130 9.02 -17.79 27.93
CA GLU B 130 10.35 -18.08 28.44
C GLU B 130 11.28 -16.85 28.27
N ASP B 131 11.27 -16.22 27.07
CA ASP B 131 12.15 -15.17 26.70
C ASP B 131 11.57 -13.75 26.79
N TRP B 132 10.23 -13.63 26.80
CA TRP B 132 9.60 -12.38 26.54
C TRP B 132 8.58 -12.15 27.63
N GLU B 133 8.39 -10.87 27.95
CA GLU B 133 7.44 -10.47 28.95
C GLU B 133 6.45 -9.46 28.29
N VAL B 134 5.19 -9.50 28.66
CA VAL B 134 4.18 -8.59 28.20
C VAL B 134 4.31 -7.36 29.04
N GLU B 135 4.73 -6.27 28.39
CA GLU B 135 4.77 -4.95 28.96
C GLU B 135 3.45 -4.19 28.70
N SER B 136 2.82 -4.47 27.56
CA SER B 136 1.51 -3.92 27.25
C SER B 136 0.77 -4.80 26.29
N SER B 137 -0.55 -4.79 26.44
CA SER B 137 -1.50 -5.61 25.73
C SER B 137 -2.85 -4.84 25.69
N VAL B 138 -3.13 -4.26 24.53
CA VAL B 138 -4.28 -3.40 24.24
C VAL B 138 -5.07 -4.04 23.05
N GLU B 139 -6.36 -4.21 23.26
CA GLU B 139 -7.29 -4.57 22.20
C GLU B 139 -7.54 -3.46 21.22
N GLY B 140 -7.27 -3.70 19.97
CA GLY B 140 -7.51 -2.65 19.00
C GLY B 140 -8.99 -2.36 18.87
N GLN B 141 -9.34 -1.12 18.55
CA GLN B 141 -10.73 -0.71 18.24
C GLN B 141 -11.29 -1.23 16.91
N LEU B 142 -12.29 -2.13 16.96
CA LEU B 142 -13.19 -2.37 15.80
C LEU B 142 -14.04 -1.21 15.29
N ASP B 143 -14.09 -1.05 13.96
CA ASP B 143 -15.01 -0.10 13.25
C ASP B 143 -15.02 -0.41 11.75
N GLU B 144 -15.60 0.48 10.92
CA GLU B 144 -15.74 0.23 9.43
C GLU B 144 -14.38 -0.04 8.74
N LYS B 145 -13.36 0.71 9.18
CA LYS B 145 -11.98 0.52 8.72
C LYS B 145 -11.35 -0.76 9.29
N ASN B 146 -11.50 -1.03 10.59
CA ASN B 146 -10.81 -2.18 11.18
C ASN B 146 -11.81 -3.19 11.69
N THR B 147 -11.90 -4.34 11.06
CA THR B 147 -13.07 -5.21 11.33
C THR B 147 -12.52 -6.56 11.73
N ILE B 148 -11.20 -6.75 11.60
CA ILE B 148 -10.58 -7.96 12.15
C ILE B 148 -10.16 -7.59 13.59
N PRO B 149 -10.53 -8.45 14.58
CA PRO B 149 -10.05 -8.32 15.93
C PRO B 149 -8.53 -8.48 15.96
N HIS B 150 -7.91 -7.53 16.69
CA HIS B 150 -6.48 -7.44 16.84
C HIS B 150 -6.09 -6.92 18.23
N THR B 151 -4.90 -7.33 18.69
CA THR B 151 -4.26 -6.87 19.91
C THR B 151 -2.92 -6.25 19.55
N PHE B 152 -2.64 -5.08 20.12
CA PHE B 152 -1.27 -4.54 20.14
C PHE B 152 -0.49 -5.07 21.33
N LEU B 153 0.40 -6.04 21.10
CA LEU B 153 1.36 -6.48 22.14
C LEU B 153 2.63 -5.60 22.14
N HIS B 154 3.14 -5.35 23.34
CA HIS B 154 4.49 -4.89 23.45
C HIS B 154 5.21 -5.84 24.39
N LEU B 155 6.17 -6.58 23.82
CA LEU B 155 6.96 -7.58 24.58
C LEU B 155 8.36 -7.10 24.74
N VAL B 156 8.95 -7.33 25.92
CA VAL B 156 10.34 -6.94 26.22
C VAL B 156 11.07 -8.24 26.56
N ARG B 157 12.30 -8.32 26.05
CA ARG B 157 13.12 -9.47 26.26
C ARG B 157 13.51 -9.53 27.69
N ARG B 158 13.38 -10.72 28.27
N ARG B 158 13.39 -10.71 28.29
CA ARG B 158 13.70 -10.94 29.68
CA ARG B 158 13.64 -10.86 29.72
C ARG B 158 15.20 -10.74 29.98
C ARG B 158 15.13 -10.79 30.09
N LYS B 159 15.53 -9.70 30.75
CA LYS B 159 16.92 -9.43 31.31
C LYS B 159 17.11 -9.82 32.82
N GLY B 160 18.31 -10.20 33.26
CA GLY B 160 18.52 -10.56 34.68
C GLY B 160 18.76 -12.00 35.15
#